data_4R4Y
#
_entry.id   4R4Y
#
_cell.length_a   45.810
_cell.length_b   50.620
_cell.length_c   61.230
_cell.angle_alpha   86.28
_cell.angle_beta   91.04
_cell.angle_gamma   107.75
#
_symmetry.space_group_name_H-M   'P 1'
#
loop_
_entity.id
_entity.type
_entity.pdbx_description
1 polymer N(4)-(Beta-N-acetylglucosaminyl)-L-asparaginase
2 non-polymer N-hydroxy-L-asparagine
3 water water
#
_entity_poly.entity_id   1
_entity_poly.type   'polypeptide(L)'
_entity_poly.pdbx_seq_one_letter_code
;TTNKPIVLSTWNFGLHANVEAWKVLSKGGKALDAVEKGVRLVEDDPTERSVGYGGRPDRDGRVTLDACIMDENYNIGSVA
CMEHIKNPISVARAVMEKTPHVMLVGDGALEFALSQGFKKENLLTAESEKEWKEWLKTSQYKPIVNIENHDTIGMIALDA
QGNLSGACTTSDMAYKMHGRVGDSPIIGAGLFVDNEIGAATATGHGEEVIRTVGTHLVVELMNQGRTPQQACKEAVERIV
KIVNRRGKNLKDIQVGFIALNKKGEYGAYCIQDGFNFAVHDQKGNRLETPGFALK
;
_entity_poly.pdbx_strand_id   A,B
#
# COMPACT_ATOMS: atom_id res chain seq x y z
N ASN A 3 25.18 13.42 8.80
CA ASN A 3 24.72 13.97 10.11
C ASN A 3 23.38 14.73 10.01
N LYS A 4 23.11 15.71 10.88
CA LYS A 4 21.70 16.08 11.13
C LYS A 4 21.55 17.41 11.75
N PRO A 5 20.42 18.07 11.52
CA PRO A 5 19.27 17.60 10.72
C PRO A 5 19.59 17.50 9.24
N ILE A 6 18.74 16.78 8.50
CA ILE A 6 18.84 16.65 7.05
C ILE A 6 17.47 16.29 6.53
N VAL A 7 17.11 16.88 5.39
CA VAL A 7 15.87 16.58 4.72
C VAL A 7 16.15 16.25 3.25
N LEU A 8 15.52 15.21 2.75
CA LEU A 8 15.65 14.84 1.33
C LEU A 8 14.29 14.77 0.75
N SER A 9 14.18 15.09 -0.53
CA SER A 9 12.89 15.08 -1.20
C SER A 9 13.01 14.90 -2.73
N THR A 10 11.90 14.48 -3.33
CA THR A 10 11.84 14.22 -4.79
C THR A 10 11.59 15.51 -5.60
N TRP A 11 12.38 15.65 -6.67
CA TRP A 11 12.19 16.61 -7.72
C TRP A 11 12.43 18.03 -7.31
N ASN A 12 12.29 18.95 -8.29
CA ASN A 12 12.16 20.41 -8.06
C ASN A 12 11.16 20.78 -6.96
N PHE A 13 10.00 20.11 -6.91
CA PHE A 13 9.02 20.49 -5.91
C PHE A 13 9.63 20.30 -4.51
N GLY A 14 10.43 19.24 -4.38
CA GLY A 14 11.15 18.97 -3.16
C GLY A 14 12.23 20.00 -2.81
N LEU A 15 12.99 20.44 -3.80
CA LEU A 15 13.93 21.54 -3.57
C LEU A 15 13.22 22.74 -2.95
N HIS A 16 12.03 23.03 -3.45
CA HIS A 16 11.25 24.15 -2.95
C HIS A 16 10.75 23.84 -1.52
N ALA A 17 10.14 22.65 -1.32
CA ALA A 17 9.61 22.27 -0.04
C ALA A 17 10.68 22.23 1.01
N ASN A 18 11.91 21.94 0.57
CA ASN A 18 13.04 21.78 1.47
C ASN A 18 13.36 23.04 2.29
N VAL A 19 13.16 24.22 1.67
CA VAL A 19 13.41 25.53 2.29
C VAL A 19 12.58 25.69 3.57
N GLU A 20 11.29 25.42 3.45
CA GLU A 20 10.42 25.46 4.63
C GLU A 20 10.75 24.35 5.59
N ALA A 21 10.93 23.13 5.08
CA ALA A 21 11.25 22.00 5.95
C ALA A 21 12.50 22.37 6.77
N TRP A 22 13.44 23.07 6.14
CA TRP A 22 14.73 23.32 6.75
C TRP A 22 14.59 24.36 7.80
N LYS A 23 13.67 25.29 7.60
CA LYS A 23 13.46 26.30 8.60
C LYS A 23 12.99 25.65 9.87
N VAL A 24 12.11 24.66 9.75
CA VAL A 24 11.58 24.00 10.95
C VAL A 24 12.72 23.23 11.57
N LEU A 25 13.46 22.49 10.74
CA LEU A 25 14.51 21.59 11.24
C LEU A 25 15.67 22.32 11.89
N SER A 26 16.14 23.39 11.24
CA SER A 26 17.27 24.17 11.74
C SER A 26 16.89 24.84 13.06
N LYS A 27 15.61 25.11 13.25
CA LYS A 27 15.12 25.63 14.51
C LYS A 27 14.95 24.53 15.56
N GLY A 28 15.33 23.28 15.28
CA GLY A 28 15.13 22.21 16.28
C GLY A 28 13.74 21.55 16.23
N GLY A 29 12.94 21.89 15.23
CA GLY A 29 11.60 21.35 15.11
C GLY A 29 11.53 19.85 14.82
N LYS A 30 10.34 19.32 15.00
CA LYS A 30 10.06 17.93 14.79
C LYS A 30 10.07 17.58 13.30
N ALA A 31 10.66 16.43 12.97
CA ALA A 31 10.77 15.96 11.58
C ALA A 31 9.38 15.95 10.96
N LEU A 32 8.38 15.62 11.75
CA LEU A 32 7.03 15.48 11.23
C LEU A 32 6.42 16.83 10.84
N ASP A 33 6.63 17.88 11.64
CA ASP A 33 6.20 19.21 11.29
C ASP A 33 6.94 19.71 10.05
N ALA A 34 8.24 19.43 9.98
CA ALA A 34 9.02 19.93 8.92
C ALA A 34 8.54 19.34 7.56
N VAL A 35 8.20 18.06 7.52
CA VAL A 35 7.75 17.45 6.25
C VAL A 35 6.35 17.97 5.92
N GLU A 36 5.48 18.07 6.94
CA GLU A 36 4.13 18.63 6.72
C GLU A 36 4.29 20.07 6.21
N LYS A 37 5.15 20.83 6.86
CA LYS A 37 5.29 22.25 6.53
C LYS A 37 5.97 22.50 5.22
N GLY A 38 6.92 21.65 4.85
CA GLY A 38 7.57 21.74 3.55
C GLY A 38 6.62 21.43 2.42
N VAL A 39 5.86 20.35 2.57
CA VAL A 39 4.87 20.03 1.54
C VAL A 39 3.81 21.15 1.38
N ARG A 40 3.35 21.71 2.50
CA ARG A 40 2.28 22.73 2.47
C ARG A 40 2.73 24.02 1.81
N LEU A 41 3.99 24.36 1.98
CA LEU A 41 4.61 25.46 1.27
C LEU A 41 4.40 25.37 -0.26
N VAL A 42 4.53 24.16 -0.83
CA VAL A 42 4.29 23.98 -2.27
C VAL A 42 2.82 23.84 -2.63
N GLU A 43 2.03 23.19 -1.79
CA GLU A 43 0.58 23.12 -2.05
C GLU A 43 -0.04 24.52 -2.11
N ASP A 44 0.45 25.38 -1.27
CA ASP A 44 -0.12 26.69 -1.05
C ASP A 44 0.52 27.78 -1.95
N ASP A 45 1.63 27.48 -2.60
CA ASP A 45 2.29 28.42 -3.47
C ASP A 45 1.54 28.52 -4.79
N PRO A 46 0.96 29.68 -5.09
CA PRO A 46 0.15 29.70 -6.30
C PRO A 46 0.99 29.62 -7.57
N THR A 47 2.28 29.96 -7.48
CA THR A 47 3.15 29.85 -8.68
C THR A 47 3.42 28.38 -9.01
N GLU A 48 3.53 27.55 -7.99
CA GLU A 48 3.76 26.13 -8.16
C GLU A 48 2.49 25.51 -8.68
N ARG A 49 1.34 25.93 -8.16
CA ARG A 49 0.05 25.38 -8.58
C ARG A 49 -0.19 25.70 -10.04
N SER A 50 0.25 26.92 -10.40
CA SER A 50 0.10 27.45 -11.74
C SER A 50 0.99 26.75 -12.71
N VAL A 51 2.13 26.16 -12.30
CA VAL A 51 2.83 25.24 -13.23
C VAL A 51 2.38 23.80 -13.13
N GLY A 52 1.27 23.52 -12.44
CA GLY A 52 0.64 22.19 -12.52
C GLY A 52 0.66 21.38 -11.22
N TYR A 53 1.39 21.87 -10.22
CA TYR A 53 1.45 21.13 -8.96
C TYR A 53 0.07 20.78 -8.42
N GLY A 54 -0.13 19.49 -8.14
CA GLY A 54 -1.37 19.03 -7.51
C GLY A 54 -2.61 19.15 -8.40
N GLY A 55 -2.38 19.31 -9.70
CA GLY A 55 -3.42 19.74 -10.65
C GLY A 55 -3.83 18.74 -11.71
N ARG A 56 -3.36 17.52 -11.64
CA ARG A 56 -3.61 16.55 -12.71
C ARG A 56 -5.03 15.99 -12.47
N PRO A 57 -5.85 15.91 -13.52
CA PRO A 57 -7.12 15.24 -13.43
C PRO A 57 -7.06 13.75 -13.88
N ASP A 58 -7.91 12.92 -13.29
CA ASP A 58 -8.18 11.60 -13.81
C ASP A 58 -8.92 11.72 -15.14
N ARG A 59 -9.23 10.60 -15.77
CA ARG A 59 -9.92 10.65 -17.09
C ARG A 59 -11.34 11.13 -17.01
N ASP A 60 -11.91 11.22 -15.81
CA ASP A 60 -13.27 11.82 -15.69
C ASP A 60 -13.11 13.31 -15.44
N GLY A 61 -11.89 13.86 -15.54
CA GLY A 61 -11.69 15.30 -15.30
C GLY A 61 -11.69 15.68 -13.82
N ARG A 62 -11.47 14.70 -12.94
CA ARG A 62 -11.50 14.93 -11.51
C ARG A 62 -10.07 14.87 -10.94
N VAL A 63 -9.69 15.92 -10.22
CA VAL A 63 -8.37 15.94 -9.53
C VAL A 63 -8.45 15.15 -8.23
N THR A 64 -7.79 14.01 -8.20
CA THR A 64 -7.90 13.15 -7.06
C THR A 64 -6.49 12.90 -6.51
N LEU A 65 -6.35 13.09 -5.19
CA LEU A 65 -5.08 13.19 -4.53
C LEU A 65 -4.92 11.97 -3.59
N ASP A 66 -3.66 11.50 -3.57
CA ASP A 66 -3.13 10.42 -2.77
C ASP A 66 -2.02 11.03 -1.94
N ALA A 67 -2.04 10.77 -0.64
CA ALA A 67 -0.99 11.23 0.23
C ALA A 67 -0.94 10.42 1.48
N CYS A 68 0.26 10.35 2.01
CA CYS A 68 0.47 9.76 3.29
C CYS A 68 1.63 10.39 4.02
N ILE A 69 1.66 10.15 5.33
CA ILE A 69 2.65 10.73 6.19
C ILE A 69 2.94 9.71 7.23
N MET A 70 4.16 9.71 7.74
CA MET A 70 4.62 8.68 8.70
C MET A 70 5.60 9.32 9.66
N ASP A 71 5.39 9.10 10.94
CA ASP A 71 6.24 9.76 11.97
C ASP A 71 7.36 8.84 12.45
N GLU A 72 8.06 9.19 13.51
CA GLU A 72 9.21 8.39 14.04
C GLU A 72 8.77 7.15 14.88
N ASN A 73 7.46 6.93 15.02
CA ASN A 73 7.00 5.81 15.84
C ASN A 73 5.85 5.05 15.21
N TYR A 74 5.91 4.89 13.89
CA TYR A 74 5.00 4.06 13.13
C TYR A 74 3.57 4.60 13.14
N ASN A 75 3.37 5.85 13.54
CA ASN A 75 2.09 6.49 13.36
C ASN A 75 2.00 6.88 11.91
N ILE A 76 0.86 6.58 11.32
CA ILE A 76 0.60 6.83 9.92
C ILE A 76 -0.79 7.38 9.66
N GLY A 77 -0.88 8.18 8.59
CA GLY A 77 -2.13 8.66 8.06
C GLY A 77 -2.04 8.72 6.56
N SER A 78 -3.16 8.43 5.93
CA SER A 78 -3.21 8.44 4.50
C SER A 78 -4.57 8.72 3.90
N VAL A 79 -4.56 9.41 2.78
CA VAL A 79 -5.76 9.58 2.02
C VAL A 79 -5.49 9.31 0.56
N ALA A 80 -6.49 8.72 -0.07
CA ALA A 80 -6.41 8.31 -1.46
C ALA A 80 -7.67 8.67 -2.17
N CYS A 81 -7.54 9.07 -3.43
CA CYS A 81 -8.60 9.47 -4.28
C CYS A 81 -9.44 10.53 -3.54
N MET A 82 -8.78 11.57 -3.03
CA MET A 82 -9.52 12.68 -2.37
C MET A 82 -9.59 13.87 -3.29
N GLU A 83 -10.83 14.35 -3.47
CA GLU A 83 -11.17 15.49 -4.29
C GLU A 83 -11.44 16.77 -3.46
N HIS A 84 -11.12 17.92 -4.09
CA HIS A 84 -11.58 19.24 -3.66
C HIS A 84 -10.82 19.80 -2.50
N ILE A 85 -9.82 19.08 -2.00
CA ILE A 85 -9.05 19.62 -0.90
C ILE A 85 -7.62 19.79 -1.36
N LYS A 86 -7.11 20.99 -1.17
CA LYS A 86 -5.78 21.37 -1.61
C LYS A 86 -4.62 20.86 -0.74
N ASN A 87 -4.88 20.64 0.54
CA ASN A 87 -3.81 20.27 1.45
C ASN A 87 -3.96 18.84 1.98
N PRO A 88 -3.79 17.84 1.09
CA PRO A 88 -4.01 16.49 1.45
C PRO A 88 -3.06 15.96 2.48
N ILE A 89 -1.82 16.49 2.57
CA ILE A 89 -0.91 15.99 3.57
C ILE A 89 -1.43 16.33 4.95
N SER A 90 -2.04 17.50 5.09
CA SER A 90 -2.58 17.88 6.36
C SER A 90 -3.75 17.02 6.76
N VAL A 91 -4.56 16.59 5.78
CA VAL A 91 -5.69 15.76 6.06
C VAL A 91 -5.14 14.39 6.49
N ALA A 92 -4.12 13.92 5.78
CA ALA A 92 -3.50 12.63 6.15
C ALA A 92 -2.98 12.69 7.61
N ARG A 93 -2.47 13.86 7.97
CA ARG A 93 -1.99 14.06 9.33
C ARG A 93 -3.12 14.00 10.35
N ALA A 94 -4.31 14.42 9.96
CA ALA A 94 -5.51 14.40 10.78
C ALA A 94 -6.04 12.94 10.91
N VAL A 95 -5.93 12.16 9.83
CA VAL A 95 -6.34 10.78 9.85
C VAL A 95 -5.48 10.08 10.90
N MET A 96 -4.19 10.32 10.79
CA MET A 96 -3.25 9.80 11.74
C MET A 96 -3.62 10.18 13.18
N GLU A 97 -3.88 11.46 13.41
CA GLU A 97 -3.87 12.02 14.78
C GLU A 97 -5.25 12.00 15.43
N LYS A 98 -6.29 11.97 14.62
CA LYS A 98 -7.66 12.21 15.11
C LYS A 98 -8.64 11.09 14.87
N THR A 99 -8.23 10.00 14.21
CA THR A 99 -9.08 8.84 14.01
C THR A 99 -8.25 7.61 14.44
N PRO A 100 -8.91 6.45 14.69
CA PRO A 100 -8.20 5.18 14.85
C PRO A 100 -7.98 4.45 13.55
N HIS A 101 -7.99 5.14 12.43
CA HIS A 101 -7.71 4.53 11.12
C HIS A 101 -6.46 5.11 10.55
N VAL A 102 -5.93 4.44 9.53
CA VAL A 102 -4.71 4.93 8.91
C VAL A 102 -4.87 5.37 7.44
N MET A 103 -5.97 4.96 6.82
CA MET A 103 -6.30 5.30 5.46
C MET A 103 -7.81 5.55 5.27
N LEU A 104 -8.18 6.72 4.73
CA LEU A 104 -9.52 6.94 4.18
C LEU A 104 -9.44 7.15 2.70
N VAL A 105 -10.46 6.73 1.96
CA VAL A 105 -10.56 7.05 0.55
C VAL A 105 -11.85 7.65 0.06
N GLY A 106 -11.81 8.22 -1.13
CA GLY A 106 -13.02 8.68 -1.81
C GLY A 106 -13.74 9.73 -1.00
N ASP A 107 -15.06 9.71 -1.16
CA ASP A 107 -16.01 10.55 -0.46
C ASP A 107 -15.66 10.69 1.03
N GLY A 108 -15.36 9.55 1.62
CA GLY A 108 -15.13 9.46 3.04
C GLY A 108 -13.95 10.27 3.47
N ALA A 109 -12.94 10.31 2.63
CA ALA A 109 -11.75 11.14 2.93
C ALA A 109 -12.07 12.61 2.80
N LEU A 110 -12.88 12.97 1.80
CA LEU A 110 -13.37 14.34 1.67
C LEU A 110 -14.28 14.72 2.87
N GLU A 111 -15.23 13.86 3.23
CA GLU A 111 -16.18 14.11 4.36
C GLU A 111 -15.40 14.39 5.65
N PHE A 112 -14.43 13.53 5.90
CA PHE A 112 -13.52 13.73 7.00
C PHE A 112 -12.73 15.06 6.86
N ALA A 113 -12.15 15.34 5.71
CA ALA A 113 -11.52 16.62 5.56
C ALA A 113 -12.45 17.74 5.95
N LEU A 114 -13.69 17.71 5.44
CA LEU A 114 -14.65 18.79 5.67
C LEU A 114 -14.95 18.93 7.17
N SER A 115 -15.03 17.81 7.86
CA SER A 115 -15.34 17.81 9.27
C SER A 115 -14.15 18.35 10.08
N GLN A 116 -12.94 18.29 9.51
CA GLN A 116 -11.81 18.89 10.20
C GLN A 116 -11.56 20.35 9.81
N GLY A 117 -12.42 20.93 9.00
CA GLY A 117 -12.34 22.38 8.77
C GLY A 117 -11.65 22.73 7.49
N PHE A 118 -11.29 21.72 6.69
CA PHE A 118 -10.62 22.00 5.42
C PHE A 118 -11.74 22.45 4.48
N LYS A 119 -11.42 23.27 3.51
CA LYS A 119 -12.42 23.84 2.62
C LYS A 119 -12.37 23.27 1.19
N LYS A 120 -13.57 23.01 0.64
CA LYS A 120 -13.74 22.69 -0.77
C LYS A 120 -13.21 23.78 -1.68
N GLU A 121 -12.32 23.46 -2.60
CA GLU A 121 -11.95 24.37 -3.68
C GLU A 121 -11.86 23.54 -4.95
N ASN A 122 -11.87 24.21 -6.09
CA ASN A 122 -11.67 23.60 -7.37
C ASN A 122 -10.18 23.63 -7.61
N LEU A 123 -9.63 22.45 -7.91
CA LEU A 123 -8.24 22.27 -8.10
C LEU A 123 -7.95 22.17 -9.58
N LEU A 124 -8.99 22.22 -10.42
CA LEU A 124 -8.78 22.05 -11.86
C LEU A 124 -8.63 23.42 -12.51
N THR A 125 -7.43 23.75 -12.99
CA THR A 125 -7.17 24.98 -13.71
C THR A 125 -7.81 24.87 -15.11
N ALA A 126 -8.05 26.03 -15.74
CA ALA A 126 -8.59 26.05 -17.11
C ALA A 126 -7.72 25.27 -18.09
N GLU A 127 -6.39 25.41 -17.99
CA GLU A 127 -5.45 24.77 -18.94
C GLU A 127 -5.52 23.26 -18.84
N SER A 128 -5.44 22.79 -17.60
CA SER A 128 -5.59 21.38 -17.31
C SER A 128 -6.92 20.85 -17.79
N GLU A 129 -7.98 21.63 -17.59
CA GLU A 129 -9.26 21.22 -18.11
C GLU A 129 -9.16 21.11 -19.65
N LYS A 130 -8.62 22.15 -20.28
CA LYS A 130 -8.43 22.14 -21.72
C LYS A 130 -7.65 20.92 -22.18
N GLU A 131 -6.49 20.66 -21.57
CA GLU A 131 -5.67 19.52 -21.95
C GLU A 131 -6.38 18.21 -21.76
N TRP A 132 -7.18 18.10 -20.70
CA TRP A 132 -8.00 16.95 -20.45
C TRP A 132 -8.99 16.75 -21.63
N LYS A 133 -9.72 17.80 -21.98
CA LYS A 133 -10.69 17.73 -23.10
C LYS A 133 -10.02 17.27 -24.40
N GLU A 134 -8.80 17.73 -24.62
CA GLU A 134 -8.01 17.35 -25.76
C GLU A 134 -7.57 15.89 -25.65
N TRP A 135 -6.99 15.48 -24.52
CA TRP A 135 -6.60 14.07 -24.39
C TRP A 135 -7.81 13.12 -24.57
N LEU A 136 -8.98 13.54 -24.09
CA LEU A 136 -10.20 12.72 -24.27
C LEU A 136 -10.61 12.41 -25.71
N LYS A 137 -10.06 13.11 -26.70
CA LYS A 137 -10.37 12.83 -28.11
C LYS A 137 -9.90 11.45 -28.54
N THR A 138 -8.76 10.99 -27.99
CA THR A 138 -8.24 9.66 -28.27
C THR A 138 -8.12 8.75 -27.01
N SER A 139 -8.14 9.35 -25.83
CA SER A 139 -8.10 8.55 -24.59
C SER A 139 -6.98 7.51 -24.60
N GLN A 140 -5.79 7.95 -24.96
CA GLN A 140 -4.64 7.05 -25.02
C GLN A 140 -3.84 7.25 -23.74
N TYR A 141 -4.00 6.33 -22.81
CA TYR A 141 -3.37 6.42 -21.47
C TYR A 141 -1.91 6.07 -21.64
N LYS A 142 -1.02 7.03 -21.42
CA LYS A 142 0.43 6.80 -21.58
C LYS A 142 1.12 7.45 -20.42
N PRO A 143 1.03 6.82 -19.26
CA PRO A 143 1.57 7.54 -18.11
C PRO A 143 3.09 7.69 -18.17
N ILE A 144 3.60 8.88 -17.89
CA ILE A 144 5.00 9.22 -17.96
C ILE A 144 5.45 9.92 -16.71
N VAL A 145 6.68 9.64 -16.27
CA VAL A 145 7.22 10.26 -15.08
C VAL A 145 8.67 10.59 -15.33
N ASN A 146 8.93 11.88 -15.47
CA ASN A 146 10.28 12.36 -15.64
C ASN A 146 10.37 13.84 -15.25
N ILE A 147 11.50 14.46 -15.66
CA ILE A 147 11.81 15.82 -15.24
C ILE A 147 10.73 16.78 -15.71
N GLU A 148 10.23 16.61 -16.93
CA GLU A 148 9.18 17.47 -17.50
C GLU A 148 7.75 17.09 -17.06
N ASN A 149 7.56 15.83 -16.61
CA ASN A 149 6.25 15.30 -16.23
C ASN A 149 6.31 14.62 -14.90
N HIS A 150 6.07 15.30 -13.78
CA HIS A 150 5.91 14.64 -12.49
C HIS A 150 5.13 15.56 -11.56
N ASP A 151 4.71 14.99 -10.45
CA ASP A 151 3.86 15.71 -9.51
C ASP A 151 3.99 15.21 -8.07
N THR A 152 5.17 14.81 -7.65
CA THR A 152 5.31 14.18 -6.36
C THR A 152 6.20 14.98 -5.48
N ILE A 153 5.80 15.12 -4.23
CA ILE A 153 6.73 15.39 -3.16
C ILE A 153 6.70 14.13 -2.31
N GLY A 154 7.83 13.43 -2.33
CA GLY A 154 8.13 12.46 -1.31
C GLY A 154 9.27 13.14 -0.61
N MET A 155 9.18 13.20 0.70
CA MET A 155 10.14 13.90 1.53
C MET A 155 10.36 13.09 2.79
N ILE A 156 11.61 12.88 3.13
CA ILE A 156 12.02 12.17 4.37
C ILE A 156 13.08 13.02 5.10
N ALA A 157 12.98 13.09 6.42
CA ALA A 157 13.80 14.01 7.20
C ALA A 157 14.18 13.42 8.52
N LEU A 158 15.38 13.78 8.97
CA LEU A 158 15.93 13.40 10.23
C LEU A 158 16.11 14.69 11.00
N ASP A 159 15.50 14.79 12.17
CA ASP A 159 15.55 16.06 12.87
C ASP A 159 16.74 16.09 13.84
N ALA A 160 16.88 17.19 14.57
CA ALA A 160 17.87 17.36 15.59
C ALA A 160 17.87 16.31 16.71
N GLN A 161 16.71 15.75 17.04
CA GLN A 161 16.64 14.71 18.06
C GLN A 161 17.03 13.34 17.48
N GLY A 162 17.30 13.27 16.18
CA GLY A 162 17.63 12.00 15.55
C GLY A 162 16.39 11.19 15.18
N ASN A 163 15.25 11.83 15.08
CA ASN A 163 14.04 11.17 14.59
C ASN A 163 13.73 11.39 13.15
N LEU A 164 13.31 10.30 12.52
CA LEU A 164 12.83 10.35 11.17
C LEU A 164 11.34 10.64 11.06
N SER A 165 10.95 11.25 9.95
CA SER A 165 9.57 11.21 9.47
C SER A 165 9.53 11.43 7.97
N GLY A 166 8.35 11.27 7.38
CA GLY A 166 8.20 11.46 6.01
C GLY A 166 6.81 11.68 5.51
N ALA A 167 6.72 12.01 4.23
CA ALA A 167 5.48 12.35 3.59
C ALA A 167 5.60 12.05 2.11
N CYS A 168 4.49 11.65 1.52
CA CYS A 168 4.44 11.46 0.09
C CYS A 168 3.07 11.88 -0.41
N THR A 169 3.04 12.55 -1.55
CA THR A 169 1.81 13.11 -2.05
C THR A 169 1.90 13.37 -3.53
N THR A 170 0.78 13.21 -4.24
CA THR A 170 0.70 13.53 -5.67
C THR A 170 -0.73 13.64 -6.08
N SER A 171 -0.97 14.19 -7.28
CA SER A 171 -2.24 14.00 -7.97
C SER A 171 -2.05 13.04 -9.13
N ASP A 172 -0.82 12.61 -9.37
CA ASP A 172 -0.55 11.71 -10.54
C ASP A 172 -1.33 10.42 -10.44
N MET A 173 -1.53 9.71 -11.55
CA MET A 173 -1.18 10.06 -12.92
C MET A 173 -2.33 10.77 -13.61
N ALA A 174 -2.03 11.78 -14.42
CA ALA A 174 -3.05 12.41 -15.23
C ALA A 174 -3.78 11.37 -16.06
N TYR A 175 -5.12 11.47 -16.12
CA TYR A 175 -5.96 10.54 -16.94
C TYR A 175 -5.99 9.09 -16.47
N LYS A 176 -5.60 8.88 -15.23
CA LYS A 176 -5.84 7.59 -14.60
C LYS A 176 -7.32 7.31 -14.59
N MET A 177 -7.69 6.04 -14.51
CA MET A 177 -9.07 5.69 -14.28
C MET A 177 -9.48 6.32 -12.97
N HIS A 178 -10.74 6.68 -12.94
CA HIS A 178 -11.27 7.26 -11.76
C HIS A 178 -11.28 6.18 -10.66
N GLY A 179 -10.88 6.59 -9.48
CA GLY A 179 -10.70 5.69 -8.35
C GLY A 179 -9.35 5.00 -8.29
N ARG A 180 -8.50 5.24 -9.29
CA ARG A 180 -7.14 4.60 -9.31
C ARG A 180 -6.32 5.13 -8.11
N VAL A 181 -5.65 4.21 -7.44
CA VAL A 181 -4.70 4.57 -6.36
C VAL A 181 -3.29 4.17 -6.73
N GLY A 182 -2.39 5.14 -6.58
CA GLY A 182 -1.00 4.90 -6.79
C GLY A 182 -0.30 4.46 -5.53
N ASP A 183 1.03 4.48 -5.59
CA ASP A 183 1.86 4.15 -4.44
C ASP A 183 1.90 5.21 -3.35
N SER A 184 1.72 6.47 -3.74
CA SER A 184 1.92 7.62 -2.88
C SER A 184 1.26 7.57 -1.51
N PRO A 185 0.06 6.99 -1.39
CA PRO A 185 -0.58 6.86 -0.09
C PRO A 185 -0.44 5.52 0.60
N ILE A 186 0.35 4.60 0.04
CA ILE A 186 0.39 3.24 0.59
C ILE A 186 1.73 3.07 1.34
N ILE A 187 1.62 2.84 2.63
CA ILE A 187 2.77 2.64 3.48
C ILE A 187 3.52 1.40 3.04
N GLY A 188 4.81 1.59 2.78
CA GLY A 188 5.67 0.58 2.29
C GLY A 188 5.85 0.62 0.82
N ALA A 189 4.97 1.32 0.11
CA ALA A 189 5.15 1.51 -1.33
C ALA A 189 5.83 2.86 -1.54
N GLY A 190 5.07 3.92 -1.48
CA GLY A 190 5.58 5.27 -1.74
C GLY A 190 6.35 5.84 -0.56
N LEU A 191 6.10 5.33 0.67
CA LEU A 191 6.84 5.75 1.83
C LEU A 191 6.99 4.66 2.90
N PHE A 192 8.12 4.63 3.53
CA PHE A 192 8.25 3.91 4.74
C PHE A 192 9.34 4.54 5.59
N VAL A 193 9.05 4.65 6.88
CA VAL A 193 9.91 5.18 7.91
C VAL A 193 9.98 4.21 9.12
N ASP A 194 11.17 3.73 9.47
CA ASP A 194 11.38 2.96 10.71
C ASP A 194 12.48 3.70 11.51
N ASN A 195 12.14 4.24 12.69
CA ASN A 195 13.09 5.07 13.42
C ASN A 195 14.34 4.33 13.84
N GLU A 196 14.33 3.00 13.79
CA GLU A 196 15.50 2.22 14.19
C GLU A 196 16.50 1.97 13.07
N ILE A 197 16.11 2.29 11.82
CA ILE A 197 16.92 1.93 10.63
C ILE A 197 17.10 3.09 9.63
N GLY A 198 16.00 3.72 9.23
CA GLY A 198 15.98 4.67 8.14
C GLY A 198 14.61 4.82 7.51
N ALA A 199 14.55 5.69 6.49
CA ALA A 199 13.32 6.00 5.76
C ALA A 199 13.61 5.98 4.26
N ALA A 200 12.56 5.86 3.48
CA ALA A 200 12.68 5.95 2.04
C ALA A 200 11.36 6.38 1.45
N THR A 201 11.47 7.13 0.36
CA THR A 201 10.30 7.52 -0.41
C THR A 201 10.63 7.34 -1.89
N ALA A 202 9.63 7.50 -2.74
CA ALA A 202 9.73 7.04 -4.09
C ALA A 202 8.91 7.90 -4.96
N THR A 203 9.18 7.75 -6.25
CA THR A 203 8.45 8.44 -7.32
C THR A 203 8.63 7.52 -8.54
N GLY A 204 7.69 7.61 -9.46
CA GLY A 204 7.70 6.80 -10.67
C GLY A 204 6.37 6.16 -10.85
N HIS A 205 6.35 5.09 -11.62
CA HIS A 205 5.11 4.47 -11.91
C HIS A 205 4.67 3.68 -10.70
N GLY A 206 3.58 4.15 -10.11
CA GLY A 206 3.16 3.73 -8.81
C GLY A 206 2.86 2.23 -8.74
N GLU A 207 2.17 1.72 -9.76
CA GLU A 207 1.89 0.32 -9.85
C GLU A 207 3.17 -0.53 -9.58
N GLU A 208 4.31 -0.06 -10.08
CA GLU A 208 5.52 -0.85 -9.98
C GLU A 208 6.03 -0.77 -8.54
N VAL A 209 5.94 0.44 -7.95
CA VAL A 209 6.29 0.62 -6.57
C VAL A 209 5.38 -0.23 -5.65
N ILE A 210 4.08 -0.26 -5.94
CA ILE A 210 3.18 -0.99 -5.12
C ILE A 210 3.46 -2.50 -5.25
N ARG A 211 3.74 -2.97 -6.45
CA ARG A 211 3.93 -4.38 -6.72
C ARG A 211 5.16 -4.96 -6.02
N THR A 212 6.16 -4.08 -5.80
CA THR A 212 7.40 -4.49 -5.17
C THR A 212 7.53 -4.01 -3.74
N VAL A 213 6.49 -3.36 -3.24
CA VAL A 213 6.52 -2.82 -1.88
C VAL A 213 7.88 -2.10 -1.64
N GLY A 214 8.17 -1.18 -2.56
CA GLY A 214 9.49 -0.57 -2.79
C GLY A 214 10.20 0.06 -1.61
N THR A 215 9.54 0.98 -0.90
CA THR A 215 10.16 1.66 0.22
C THR A 215 10.36 0.77 1.41
N HIS A 216 9.46 -0.18 1.62
CA HIS A 216 9.70 -1.15 2.63
C HIS A 216 10.94 -1.96 2.33
N LEU A 217 11.05 -2.38 1.08
CA LEU A 217 12.21 -3.13 0.61
C LEU A 217 13.47 -2.31 0.81
N VAL A 218 13.46 -1.04 0.36
CA VAL A 218 14.64 -0.22 0.59
C VAL A 218 15.06 -0.18 2.06
N VAL A 219 14.12 0.00 2.93
CA VAL A 219 14.44 0.13 4.35
C VAL A 219 14.91 -1.21 4.94
N GLU A 220 14.22 -2.28 4.57
CA GLU A 220 14.68 -3.61 4.99
C GLU A 220 16.13 -3.88 4.48
N LEU A 221 16.48 -3.32 3.31
CA LEU A 221 17.87 -3.45 2.78
C LEU A 221 18.87 -2.64 3.63
N MET A 222 18.49 -1.45 4.09
CA MET A 222 19.28 -0.75 5.10
C MET A 222 19.40 -1.54 6.40
N ASN A 223 18.32 -2.20 6.80
CA ASN A 223 18.34 -3.06 7.98
C ASN A 223 19.33 -4.23 7.78
N GLN A 224 19.49 -4.68 6.52
CA GLN A 224 20.39 -5.79 6.20
C GLN A 224 21.73 -5.29 5.75
N GLY A 225 22.17 -4.16 6.29
CA GLY A 225 23.54 -3.78 6.09
C GLY A 225 23.89 -2.89 4.95
N ARG A 226 22.93 -2.57 4.07
CA ARG A 226 23.24 -1.68 2.92
C ARG A 226 23.28 -0.22 3.37
N THR A 227 24.22 0.51 2.78
CA THR A 227 24.15 1.97 2.74
C THR A 227 22.81 2.38 2.07
N PRO A 228 22.31 3.58 2.37
CA PRO A 228 21.11 4.08 1.71
C PRO A 228 21.18 4.01 0.20
N GLN A 229 22.28 4.45 -0.38
CA GLN A 229 22.42 4.38 -1.82
C GLN A 229 22.38 2.91 -2.30
N GLN A 230 23.11 2.00 -1.62
CA GLN A 230 23.13 0.59 -2.01
C GLN A 230 21.73 0.00 -1.92
N ALA A 231 21.00 0.36 -0.87
CA ALA A 231 19.66 -0.14 -0.69
C ALA A 231 18.73 0.32 -1.84
N CYS A 232 18.77 1.60 -2.17
CA CYS A 232 17.97 2.12 -3.30
C CYS A 232 18.37 1.36 -4.59
N LYS A 233 19.68 1.18 -4.81
CA LYS A 233 20.18 0.47 -6.02
C LYS A 233 19.61 -0.96 -6.13
N GLU A 234 19.65 -1.67 -5.02
CA GLU A 234 19.21 -3.07 -4.96
C GLU A 234 17.70 -3.17 -5.10
N ALA A 235 16.95 -2.25 -4.49
CA ALA A 235 15.54 -2.22 -4.70
C ALA A 235 15.26 -2.03 -6.18
N VAL A 236 15.90 -1.04 -6.80
CA VAL A 236 15.71 -0.79 -8.23
C VAL A 236 16.08 -2.02 -9.07
N GLU A 237 17.21 -2.64 -8.76
CA GLU A 237 17.60 -3.88 -9.43
C GLU A 237 16.55 -4.99 -9.24
N ARG A 238 15.95 -5.10 -8.05
CA ARG A 238 14.79 -6.01 -7.94
C ARG A 238 13.66 -5.68 -8.91
N ILE A 239 13.26 -4.39 -8.99
CA ILE A 239 12.22 -3.97 -9.91
C ILE A 239 12.59 -4.30 -11.39
N VAL A 240 13.87 -4.17 -11.73
CA VAL A 240 14.33 -4.43 -13.09
C VAL A 240 14.12 -5.93 -13.43
N LYS A 241 14.54 -6.83 -12.54
CA LYS A 241 14.29 -8.26 -12.71
C LYS A 241 12.81 -8.58 -12.87
N ILE A 242 11.98 -7.98 -12.04
CA ILE A 242 10.54 -8.23 -12.04
C ILE A 242 9.88 -7.78 -13.31
N VAL A 243 10.26 -6.57 -13.78
CA VAL A 243 9.78 -6.05 -15.06
C VAL A 243 10.07 -7.02 -16.19
N ASN A 244 11.24 -7.67 -16.11
CA ASN A 244 11.68 -8.57 -17.18
C ASN A 244 10.89 -9.90 -17.09
N ARG A 245 10.83 -10.46 -15.89
CA ARG A 245 10.02 -11.65 -15.63
C ARG A 245 8.58 -11.36 -16.09
N ARG A 246 8.16 -10.11 -16.05
CA ARG A 246 6.80 -9.81 -16.48
C ARG A 246 6.63 -9.61 -17.99
N GLY A 247 7.68 -9.84 -18.77
CA GLY A 247 7.63 -9.57 -20.24
C GLY A 247 7.43 -8.09 -20.58
N LYS A 248 7.72 -7.19 -19.67
CA LYS A 248 7.53 -5.76 -19.96
C LYS A 248 8.86 -5.11 -20.42
N ASN A 249 8.75 -3.91 -20.97
CA ASN A 249 9.93 -3.17 -21.43
C ASN A 249 10.25 -2.10 -20.41
N LEU A 250 11.47 -2.14 -19.91
CA LEU A 250 11.91 -1.30 -18.84
C LEU A 250 11.87 0.19 -19.21
N LYS A 251 11.98 0.53 -20.51
CA LYS A 251 11.85 1.95 -20.96
C LYS A 251 10.49 2.57 -20.60
N ASP A 252 9.47 1.74 -20.38
CA ASP A 252 8.15 2.24 -20.01
C ASP A 252 7.99 2.52 -18.52
N ILE A 253 9.03 2.29 -17.75
CA ILE A 253 8.93 2.27 -16.30
C ILE A 253 10.02 3.14 -15.73
N GLN A 254 9.62 4.15 -14.95
CA GLN A 254 10.55 4.87 -14.13
C GLN A 254 10.19 4.68 -12.68
N VAL A 255 11.19 4.28 -11.93
CA VAL A 255 11.11 4.21 -10.46
C VAL A 255 12.34 4.83 -9.84
N GLY A 256 12.14 5.81 -8.95
CA GLY A 256 13.23 6.46 -8.25
C GLY A 256 12.99 6.33 -6.73
N PHE A 257 14.05 5.98 -6.02
CA PHE A 257 14.03 5.92 -4.58
C PHE A 257 15.07 6.89 -4.02
N ILE A 258 14.75 7.51 -2.89
CA ILE A 258 15.70 8.19 -2.01
C ILE A 258 15.56 7.62 -0.60
N ALA A 259 16.64 7.67 0.14
CA ALA A 259 16.67 7.09 1.46
C ALA A 259 17.60 7.80 2.38
N LEU A 260 17.30 7.61 3.65
CA LEU A 260 17.96 8.21 4.73
C LEU A 260 18.13 7.12 5.72
N ASN A 261 19.35 6.93 6.25
CA ASN A 261 19.44 6.10 7.44
C ASN A 261 19.49 6.97 8.67
N LYS A 262 19.50 6.27 9.79
CA LYS A 262 19.52 6.91 11.09
C LYS A 262 20.76 7.75 11.36
N LYS A 263 21.85 7.54 10.64
CA LYS A 263 22.98 8.41 10.85
C LYS A 263 22.90 9.67 10.02
N GLY A 264 21.81 9.89 9.29
CA GLY A 264 21.73 11.00 8.35
C GLY A 264 22.50 10.79 7.05
N GLU A 265 23.02 9.62 6.78
CA GLU A 265 23.62 9.37 5.47
C GLU A 265 22.48 9.18 4.49
N TYR A 266 22.68 9.52 3.23
CA TYR A 266 21.59 9.52 2.28
C TYR A 266 22.02 8.86 0.98
N GLY A 267 21.06 8.56 0.13
CA GLY A 267 21.38 7.95 -1.15
C GLY A 267 20.10 7.80 -1.97
N ALA A 268 20.27 7.38 -3.22
CA ALA A 268 19.23 7.56 -4.24
C ALA A 268 19.60 6.72 -5.45
N TYR A 269 18.63 6.21 -6.15
CA TYR A 269 18.91 5.45 -7.36
C TYR A 269 17.59 5.36 -8.09
N CYS A 270 17.65 5.08 -9.38
CA CYS A 270 16.46 5.06 -10.23
C CYS A 270 16.66 4.12 -11.42
N ILE A 271 15.56 3.71 -12.04
CA ILE A 271 15.62 2.85 -13.22
C ILE A 271 16.26 3.65 -14.35
N GLN A 272 15.73 4.84 -14.62
CA GLN A 272 16.16 5.60 -15.76
C GLN A 272 16.74 6.95 -15.40
N ASP A 273 17.62 7.42 -16.27
CA ASP A 273 18.17 8.78 -16.14
C ASP A 273 16.98 9.70 -16.30
N GLY A 274 16.97 10.81 -15.58
CA GLY A 274 15.79 11.68 -15.62
C GLY A 274 15.04 11.69 -14.29
N PHE A 275 15.76 11.44 -13.22
CA PHE A 275 15.23 11.66 -11.89
C PHE A 275 16.22 12.51 -11.12
N ASN A 276 15.70 13.50 -10.39
CA ASN A 276 16.52 14.26 -9.44
C ASN A 276 15.79 14.47 -8.12
N PHE A 277 16.60 14.70 -7.11
CA PHE A 277 16.15 14.90 -5.72
C PHE A 277 16.91 16.06 -5.11
N ALA A 278 16.43 16.51 -3.97
CA ALA A 278 16.91 17.64 -3.29
C ALA A 278 17.27 17.24 -1.90
N VAL A 279 18.45 17.68 -1.48
CA VAL A 279 18.95 17.37 -0.15
C VAL A 279 19.36 18.65 0.49
N HIS A 280 18.83 18.90 1.68
CA HIS A 280 19.23 20.08 2.45
C HIS A 280 19.80 19.52 3.76
N ASP A 281 21.09 19.80 3.96
CA ASP A 281 21.78 19.60 5.24
C ASP A 281 22.39 20.98 5.60
N GLN A 282 23.34 20.99 6.53
CA GLN A 282 23.93 22.24 7.04
C GLN A 282 24.69 23.05 5.99
N LYS A 283 25.17 22.41 4.92
CA LYS A 283 25.90 23.08 3.83
C LYS A 283 24.98 23.79 2.83
N GLY A 284 23.69 23.45 2.86
CA GLY A 284 22.67 24.12 2.02
C GLY A 284 21.77 23.13 1.31
N ASN A 285 21.06 23.64 0.33
CA ASN A 285 19.99 22.93 -0.34
C ASN A 285 20.51 22.65 -1.73
N ARG A 286 20.57 21.40 -2.17
CA ARG A 286 21.17 21.03 -3.48
C ARG A 286 20.26 20.11 -4.20
N LEU A 287 20.23 20.24 -5.51
CA LEU A 287 19.60 19.27 -6.40
C LEU A 287 20.66 18.26 -6.85
N GLU A 288 20.45 16.98 -6.59
CA GLU A 288 21.38 15.95 -7.01
C GLU A 288 20.68 14.96 -7.94
N THR A 289 21.45 14.34 -8.77
CA THR A 289 20.95 13.40 -9.75
C THR A 289 21.66 12.09 -9.48
N PRO A 290 20.93 11.05 -9.09
CA PRO A 290 21.58 9.80 -8.74
C PRO A 290 21.86 8.94 -9.95
N GLY A 291 22.50 7.80 -9.74
CA GLY A 291 22.67 6.86 -10.84
C GLY A 291 21.41 6.05 -11.16
N PHE A 292 21.46 5.32 -12.25
CA PHE A 292 20.32 4.69 -12.84
C PHE A 292 20.76 3.36 -13.50
N ALA A 293 19.81 2.41 -13.57
CA ALA A 293 20.05 1.07 -14.04
C ALA A 293 19.97 0.91 -15.61
N LEU A 294 19.07 1.58 -16.28
CA LEU A 294 18.94 1.44 -17.71
C LEU A 294 19.98 2.34 -18.38
N LYS A 295 21.11 1.75 -18.70
CA LYS A 295 22.14 2.48 -19.37
C LYS A 295 21.68 2.74 -20.80
N THR B 1 12.24 -32.75 -1.18
CA THR B 1 10.84 -33.23 -1.36
C THR B 1 9.86 -32.05 -1.25
N THR B 2 9.42 -31.53 -2.39
CA THR B 2 8.40 -30.49 -2.39
C THR B 2 7.03 -31.07 -1.95
N ASN B 3 6.34 -30.33 -1.09
CA ASN B 3 4.97 -30.68 -0.78
C ASN B 3 3.99 -29.85 -1.60
N LYS B 4 3.54 -30.37 -2.75
CA LYS B 4 2.59 -29.65 -3.59
C LYS B 4 1.60 -30.59 -4.25
N PRO B 5 0.39 -30.09 -4.57
CA PRO B 5 -0.11 -28.76 -4.25
C PRO B 5 -0.50 -28.60 -2.78
N ILE B 6 -0.74 -27.36 -2.36
CA ILE B 6 -1.09 -27.04 -0.98
C ILE B 6 -1.73 -25.71 -0.90
N VAL B 7 -2.84 -25.65 -0.19
CA VAL B 7 -3.48 -24.38 0.05
C VAL B 7 -3.61 -24.15 1.54
N LEU B 8 -3.39 -22.92 1.95
CA LEU B 8 -3.69 -22.50 3.33
C LEU B 8 -4.62 -21.28 3.35
N SER B 9 -5.44 -21.19 4.37
CA SER B 9 -6.28 -20.01 4.56
C SER B 9 -6.54 -19.72 6.03
N THR B 10 -6.98 -18.50 6.29
CA THR B 10 -7.09 -17.97 7.67
C THR B 10 -8.41 -18.38 8.29
N TRP B 11 -8.36 -18.68 9.56
CA TRP B 11 -9.57 -18.97 10.38
C TRP B 11 -10.21 -20.31 10.08
N ASN B 12 -11.13 -20.70 10.98
CA ASN B 12 -11.85 -21.97 10.94
C ASN B 12 -12.52 -22.22 9.59
N PHE B 13 -13.13 -21.18 9.05
CA PHE B 13 -13.94 -21.36 7.84
C PHE B 13 -13.08 -21.46 6.57
N GLY B 14 -11.75 -21.35 6.77
CA GLY B 14 -10.78 -21.66 5.76
C GLY B 14 -10.91 -23.09 5.33
N LEU B 15 -11.42 -23.93 6.22
CA LEU B 15 -11.57 -25.35 5.90
C LEU B 15 -12.42 -25.45 4.65
N HIS B 16 -13.52 -24.73 4.65
CA HIS B 16 -14.45 -24.84 3.58
C HIS B 16 -13.92 -24.19 2.29
N ALA B 17 -13.34 -23.01 2.40
CA ALA B 17 -12.72 -22.38 1.22
C ALA B 17 -11.65 -23.30 0.60
N ASN B 18 -10.93 -23.99 1.49
CA ASN B 18 -9.89 -24.90 1.05
C ASN B 18 -10.46 -26.00 0.18
N VAL B 19 -11.66 -26.49 0.51
CA VAL B 19 -12.27 -27.55 -0.28
C VAL B 19 -12.53 -26.99 -1.67
N GLU B 20 -12.98 -25.74 -1.79
CA GLU B 20 -13.19 -25.17 -3.16
C GLU B 20 -11.89 -24.97 -3.94
N ALA B 21 -10.84 -24.44 -3.29
CA ALA B 21 -9.52 -24.36 -3.91
C ALA B 21 -9.02 -25.73 -4.32
N TRP B 22 -9.26 -26.71 -3.48
CA TRP B 22 -8.67 -28.04 -3.73
C TRP B 22 -9.29 -28.64 -4.99
N LYS B 23 -10.56 -28.34 -5.26
CA LYS B 23 -11.17 -28.83 -6.49
C LYS B 23 -10.36 -28.41 -7.73
N VAL B 24 -9.73 -27.24 -7.64
CA VAL B 24 -8.91 -26.68 -8.69
C VAL B 24 -7.53 -27.31 -8.63
N LEU B 25 -6.91 -27.26 -7.45
CA LEU B 25 -5.51 -27.73 -7.29
C LEU B 25 -5.35 -29.24 -7.47
N SER B 26 -6.31 -30.02 -7.00
CA SER B 26 -6.17 -31.46 -7.10
C SER B 26 -6.24 -31.90 -8.56
N LYS B 27 -6.73 -31.03 -9.44
CA LYS B 27 -6.77 -31.35 -10.87
C LYS B 27 -5.66 -30.69 -11.62
N GLY B 28 -4.57 -30.35 -10.92
CA GLY B 28 -3.47 -29.70 -11.57
C GLY B 28 -3.73 -28.26 -12.02
N GLY B 29 -4.84 -27.63 -11.57
CA GLY B 29 -5.18 -26.26 -11.93
C GLY B 29 -4.19 -25.22 -11.38
N LYS B 30 -4.31 -23.98 -11.87
CA LYS B 30 -3.48 -22.85 -11.45
C LYS B 30 -3.75 -22.40 -10.02
N ALA B 31 -2.72 -22.11 -9.23
CA ALA B 31 -2.92 -21.46 -7.89
C ALA B 31 -3.87 -20.27 -7.93
N LEU B 32 -3.80 -19.52 -9.02
CA LEU B 32 -4.52 -18.28 -9.16
C LEU B 32 -6.04 -18.58 -9.20
N ASP B 33 -6.45 -19.56 -9.98
CA ASP B 33 -7.87 -19.96 -9.99
C ASP B 33 -8.31 -20.57 -8.67
N ALA B 34 -7.36 -21.27 -8.02
CA ALA B 34 -7.62 -21.96 -6.78
C ALA B 34 -7.94 -20.98 -5.66
N VAL B 35 -7.12 -19.94 -5.51
CA VAL B 35 -7.37 -18.91 -4.49
C VAL B 35 -8.59 -18.06 -4.81
N GLU B 36 -8.81 -17.74 -6.08
CA GLU B 36 -9.97 -16.98 -6.47
C GLU B 36 -11.24 -17.75 -6.11
N LYS B 37 -11.36 -19.01 -6.56
CA LYS B 37 -12.55 -19.79 -6.26
C LYS B 37 -12.68 -19.96 -4.75
N GLY B 38 -11.54 -20.14 -4.10
CA GLY B 38 -11.56 -20.35 -2.66
C GLY B 38 -12.14 -19.17 -1.93
N VAL B 39 -11.69 -17.97 -2.22
CA VAL B 39 -12.24 -16.88 -1.44
C VAL B 39 -13.62 -16.46 -2.00
N ARG B 40 -13.94 -16.81 -3.23
CA ARG B 40 -15.31 -16.58 -3.74
C ARG B 40 -16.41 -17.24 -2.86
N LEU B 41 -16.07 -18.40 -2.34
CA LEU B 41 -16.93 -19.14 -1.43
C LEU B 41 -17.27 -18.26 -0.26
N VAL B 42 -16.24 -17.78 0.44
CA VAL B 42 -16.48 -16.85 1.55
C VAL B 42 -17.39 -15.67 1.12
N GLU B 43 -17.30 -15.24 -0.13
CA GLU B 43 -18.12 -14.10 -0.64
C GLU B 43 -19.59 -14.50 -0.99
N ASP B 44 -19.81 -15.70 -1.49
CA ASP B 44 -21.15 -16.14 -1.83
C ASP B 44 -21.97 -16.43 -0.57
N ARG B 56 -21.13 -6.61 8.46
CA ARG B 56 -21.72 -5.33 8.82
C ARG B 56 -21.24 -4.19 7.93
N PRO B 57 -22.07 -3.15 7.79
CA PRO B 57 -21.70 -1.99 6.99
C PRO B 57 -20.89 -0.95 7.75
N ASP B 58 -20.47 0.11 7.04
CA ASP B 58 -19.80 1.22 7.71
C ASP B 58 -20.86 1.97 8.49
N ARG B 59 -20.45 2.95 9.27
CA ARG B 59 -21.39 3.69 10.09
C ARG B 59 -22.49 4.46 9.39
N ASP B 60 -22.44 4.64 8.08
CA ASP B 60 -23.48 5.25 7.30
C ASP B 60 -24.38 4.20 6.66
N GLY B 61 -24.26 2.96 7.07
CA GLY B 61 -25.17 1.90 6.58
C GLY B 61 -24.83 1.33 5.22
N ARG B 62 -23.61 1.59 4.75
CA ARG B 62 -23.20 1.20 3.42
C ARG B 62 -22.26 0.01 3.49
N VAL B 63 -22.55 -0.99 2.69
CA VAL B 63 -21.78 -2.20 2.65
C VAL B 63 -20.67 -1.92 1.64
N THR B 64 -19.44 -1.85 2.13
CA THR B 64 -18.28 -1.68 1.26
C THR B 64 -17.36 -2.82 1.49
N LEU B 65 -16.78 -3.28 0.40
CA LEU B 65 -15.92 -4.47 0.37
C LEU B 65 -14.50 -4.10 -0.20
N ASP B 66 -13.53 -4.87 0.26
CA ASP B 66 -12.11 -4.80 -0.10
C ASP B 66 -11.64 -6.22 -0.53
N ALA B 67 -10.76 -6.28 -1.52
CA ALA B 67 -10.13 -7.52 -1.90
C ALA B 67 -8.89 -7.24 -2.68
N CYS B 68 -7.93 -8.18 -2.59
CA CYS B 68 -6.84 -8.21 -3.47
C CYS B 68 -6.38 -9.58 -3.79
N ILE B 69 -5.60 -9.60 -4.87
CA ILE B 69 -5.13 -10.86 -5.47
C ILE B 69 -3.75 -10.63 -6.10
N MET B 70 -2.91 -11.65 -6.01
CA MET B 70 -1.53 -11.64 -6.47
C MET B 70 -1.19 -13.01 -7.05
N ASP B 71 -0.63 -13.04 -8.26
CA ASP B 71 -0.41 -14.32 -8.94
C ASP B 71 1.09 -14.70 -8.81
N GLU B 72 1.56 -15.69 -9.57
CA GLU B 72 2.96 -16.16 -9.49
C GLU B 72 4.00 -15.28 -10.22
N ASN B 73 3.57 -14.21 -10.86
CA ASN B 73 4.47 -13.38 -11.64
C ASN B 73 4.32 -11.87 -11.40
N TYR B 74 4.10 -11.52 -10.12
CA TYR B 74 3.95 -10.12 -9.62
C TYR B 74 2.77 -9.37 -10.20
N ASN B 75 1.83 -10.07 -10.84
CA ASN B 75 0.60 -9.39 -11.24
C ASN B 75 -0.22 -9.24 -9.98
N ILE B 76 -0.84 -8.07 -9.84
CA ILE B 76 -1.67 -7.75 -8.68
C ILE B 76 -2.89 -6.94 -9.09
N GLY B 77 -3.97 -7.10 -8.35
CA GLY B 77 -5.15 -6.25 -8.50
C GLY B 77 -5.81 -6.09 -7.16
N SER B 78 -6.51 -4.98 -7.00
CA SER B 78 -7.10 -4.71 -5.73
C SER B 78 -8.27 -3.75 -5.82
N VAL B 79 -9.34 -4.04 -5.08
CA VAL B 79 -10.42 -3.10 -4.92
C VAL B 79 -10.62 -2.84 -3.44
N ALA B 80 -10.94 -1.59 -3.14
CA ALA B 80 -11.25 -1.16 -1.79
C ALA B 80 -12.52 -0.28 -1.70
N CYS B 81 -13.25 -0.41 -0.60
CA CYS B 81 -14.45 0.37 -0.37
C CYS B 81 -15.34 0.42 -1.60
N MET B 82 -15.59 -0.75 -2.17
CA MET B 82 -16.40 -0.90 -3.33
C MET B 82 -17.78 -1.38 -2.87
N GLU B 83 -18.83 -0.82 -3.47
CA GLU B 83 -20.22 -1.07 -3.09
C GLU B 83 -20.93 -1.85 -4.21
N HIS B 84 -21.91 -2.67 -3.82
CA HIS B 84 -22.89 -3.23 -4.75
C HIS B 84 -22.41 -4.41 -5.58
N ILE B 85 -21.21 -4.90 -5.32
CA ILE B 85 -20.69 -6.05 -6.03
C ILE B 85 -20.38 -7.14 -5.04
N LYS B 86 -20.93 -8.33 -5.25
CA LYS B 86 -20.81 -9.42 -4.26
C LYS B 86 -19.43 -10.04 -4.23
N ASN B 87 -18.79 -10.07 -5.39
CA ASN B 87 -17.57 -10.87 -5.53
C ASN B 87 -16.36 -10.00 -5.82
N PRO B 88 -15.90 -9.28 -4.79
CA PRO B 88 -14.82 -8.30 -5.00
C PRO B 88 -13.51 -8.93 -5.47
N ILE B 89 -13.22 -10.14 -5.02
CA ILE B 89 -11.98 -10.78 -5.37
C ILE B 89 -11.89 -10.90 -6.92
N SER B 90 -13.03 -11.11 -7.57
CA SER B 90 -13.06 -11.29 -9.02
C SER B 90 -12.98 -9.98 -9.76
N VAL B 91 -13.46 -8.91 -9.16
CA VAL B 91 -13.21 -7.60 -9.68
C VAL B 91 -11.71 -7.28 -9.50
N ALA B 92 -11.16 -7.60 -8.33
CA ALA B 92 -9.76 -7.36 -8.14
C ALA B 92 -9.06 -8.11 -9.24
N ARG B 93 -9.48 -9.36 -9.56
CA ARG B 93 -8.77 -10.06 -10.60
C ARG B 93 -8.87 -9.34 -11.96
N ALA B 94 -10.01 -8.71 -12.21
CA ALA B 94 -10.26 -7.89 -13.41
C ALA B 94 -9.38 -6.64 -13.46
N VAL B 95 -9.17 -6.02 -12.30
CA VAL B 95 -8.24 -4.90 -12.22
C VAL B 95 -6.85 -5.30 -12.69
N MET B 96 -6.38 -6.45 -12.23
CA MET B 96 -5.02 -6.96 -12.51
C MET B 96 -4.86 -7.27 -13.99
N GLU B 97 -5.87 -7.90 -14.54
CA GLU B 97 -5.80 -8.44 -15.90
C GLU B 97 -6.28 -7.51 -17.02
N LYS B 98 -7.17 -6.59 -16.70
CA LYS B 98 -7.84 -5.79 -17.72
C LYS B 98 -7.59 -4.29 -17.62
N THR B 99 -6.73 -3.85 -16.69
CA THR B 99 -6.44 -2.43 -16.58
C THR B 99 -4.94 -2.22 -16.51
N PRO B 100 -4.50 -0.98 -16.75
CA PRO B 100 -3.16 -0.63 -16.51
C PRO B 100 -2.94 -0.27 -15.04
N HIS B 101 -3.86 -0.56 -14.14
CA HIS B 101 -3.70 -0.15 -12.73
C HIS B 101 -3.69 -1.36 -11.88
N VAL B 102 -3.32 -1.20 -10.60
CA VAL B 102 -3.34 -2.29 -9.63
C VAL B 102 -4.33 -2.07 -8.51
N MET B 103 -4.81 -0.86 -8.30
CA MET B 103 -5.81 -0.65 -7.29
C MET B 103 -6.87 0.33 -7.74
N LEU B 104 -8.14 -0.02 -7.63
CA LEU B 104 -9.27 0.92 -7.75
C LEU B 104 -10.09 0.99 -6.50
N VAL B 105 -10.53 2.20 -6.13
CA VAL B 105 -11.40 2.34 -4.97
C VAL B 105 -12.69 3.07 -5.29
N GLY B 106 -13.60 3.02 -4.32
CA GLY B 106 -14.82 3.83 -4.37
C GLY B 106 -15.71 3.61 -5.57
N ASP B 107 -16.25 4.71 -6.06
CA ASP B 107 -17.20 4.72 -7.13
C ASP B 107 -16.52 4.25 -8.37
N GLY B 108 -15.21 4.49 -8.49
CA GLY B 108 -14.51 4.07 -9.69
C GLY B 108 -14.33 2.58 -9.82
N ALA B 109 -14.18 1.92 -8.69
CA ALA B 109 -14.11 0.44 -8.63
C ALA B 109 -15.42 -0.21 -9.07
N LEU B 110 -16.52 0.33 -8.57
CA LEU B 110 -17.84 -0.03 -9.02
C LEU B 110 -18.07 0.24 -10.50
N GLU B 111 -17.68 1.41 -10.99
CA GLU B 111 -17.93 1.71 -12.40
C GLU B 111 -17.18 0.71 -13.26
N PHE B 112 -15.93 0.39 -12.90
CA PHE B 112 -15.20 -0.69 -13.56
C PHE B 112 -15.86 -2.08 -13.50
N ALA B 113 -16.22 -2.51 -12.29
CA ALA B 113 -16.97 -3.75 -12.11
C ALA B 113 -18.15 -3.85 -13.10
N LEU B 114 -18.93 -2.79 -13.17
CA LEU B 114 -20.12 -2.77 -14.09
C LEU B 114 -19.66 -2.89 -15.56
N SER B 115 -18.58 -2.24 -15.97
CA SER B 115 -18.10 -2.35 -17.36
C SER B 115 -17.55 -3.76 -17.70
N GLN B 116 -17.27 -4.58 -16.69
CA GLN B 116 -16.80 -5.92 -16.94
C GLN B 116 -17.91 -6.92 -16.82
N GLY B 117 -19.15 -6.44 -16.63
CA GLY B 117 -20.29 -7.33 -16.57
C GLY B 117 -20.66 -7.85 -15.18
N PHE B 118 -20.06 -7.34 -14.11
CA PHE B 118 -20.49 -7.75 -12.78
C PHE B 118 -21.84 -7.14 -12.54
N LYS B 119 -22.63 -7.85 -11.76
CA LYS B 119 -24.00 -7.48 -11.51
C LYS B 119 -24.04 -6.57 -10.31
N LYS B 120 -24.75 -5.49 -10.45
CA LYS B 120 -24.91 -4.56 -9.37
C LYS B 120 -26.06 -5.10 -8.55
N GLU B 121 -25.86 -5.19 -7.23
CA GLU B 121 -26.86 -5.79 -6.32
C GLU B 121 -26.88 -5.06 -5.03
N ASN B 122 -27.97 -5.25 -4.28
CA ASN B 122 -28.04 -4.78 -2.91
C ASN B 122 -27.40 -5.81 -2.01
N LEU B 123 -26.45 -5.38 -1.18
CA LEU B 123 -25.65 -6.23 -0.30
C LEU B 123 -26.06 -6.11 1.16
N LEU B 124 -26.88 -5.12 1.51
CA LEU B 124 -27.26 -4.97 2.89
C LEU B 124 -28.51 -5.80 3.13
N THR B 125 -28.38 -6.82 3.98
CA THR B 125 -29.45 -7.72 4.28
C THR B 125 -30.46 -6.99 5.13
N ALA B 126 -31.67 -7.54 5.15
CA ALA B 126 -32.73 -7.07 6.04
C ALA B 126 -32.20 -6.87 7.45
N GLU B 127 -31.46 -7.83 7.95
CA GLU B 127 -31.14 -7.88 9.37
C GLU B 127 -29.87 -7.13 9.66
N SER B 128 -28.96 -7.03 8.66
CA SER B 128 -27.82 -6.12 8.79
C SER B 128 -28.32 -4.67 8.86
N GLU B 129 -29.24 -4.28 7.98
CA GLU B 129 -29.82 -2.93 8.09
C GLU B 129 -30.36 -2.70 9.52
N LYS B 130 -31.23 -3.54 10.02
CA LYS B 130 -31.81 -3.27 11.34
C LYS B 130 -30.76 -3.30 12.48
N GLU B 131 -29.74 -4.15 12.37
CA GLU B 131 -28.61 -4.14 13.36
C GLU B 131 -27.75 -2.88 13.31
N TRP B 132 -27.68 -2.25 12.14
CA TRP B 132 -26.97 -0.97 12.03
C TRP B 132 -27.76 0.18 12.71
N LYS B 133 -29.05 0.28 12.39
CA LYS B 133 -29.88 1.28 13.06
C LYS B 133 -29.78 1.10 14.57
N GLU B 134 -29.82 -0.15 15.02
CA GLU B 134 -29.62 -0.51 16.44
C GLU B 134 -28.32 0.04 17.05
N TRP B 135 -27.20 -0.24 16.41
CA TRP B 135 -25.90 0.25 16.84
C TRP B 135 -25.86 1.76 16.94
N LEU B 136 -26.42 2.42 15.92
CA LEU B 136 -26.46 3.89 15.89
C LEU B 136 -27.06 4.42 17.19
N LYS B 137 -28.03 3.68 17.76
CA LYS B 137 -28.68 4.08 19.02
C LYS B 137 -27.88 3.69 20.24
N THR B 138 -27.01 2.69 20.10
CA THR B 138 -26.15 2.26 21.20
C THR B 138 -24.82 2.97 21.06
N THR B 152 -14.03 -12.28 6.48
CA THR B 152 -12.63 -11.99 6.17
C THR B 152 -11.76 -13.22 6.01
N ILE B 153 -11.10 -13.35 4.87
CA ILE B 153 -10.26 -14.49 4.64
C ILE B 153 -9.09 -14.09 3.74
N GLY B 154 -7.91 -14.58 4.09
CA GLY B 154 -6.77 -14.68 3.20
C GLY B 154 -6.45 -16.13 2.89
N MET B 155 -5.98 -16.37 1.66
CA MET B 155 -5.69 -17.68 1.14
C MET B 155 -4.44 -17.62 0.31
N ILE B 156 -3.51 -18.54 0.62
CA ILE B 156 -2.33 -18.74 -0.19
C ILE B 156 -2.19 -20.18 -0.64
N ALA B 157 -1.79 -20.39 -1.90
CA ALA B 157 -1.61 -21.73 -2.47
C ALA B 157 -0.37 -21.87 -3.35
N LEU B 158 0.08 -23.11 -3.42
CA LEU B 158 1.14 -23.64 -4.25
C LEU B 158 0.58 -24.76 -5.12
N ASP B 159 0.55 -24.53 -6.42
CA ASP B 159 -0.04 -25.49 -7.34
C ASP B 159 0.99 -26.56 -7.80
N ALA B 160 0.50 -27.50 -8.59
CA ALA B 160 1.27 -28.68 -9.02
C ALA B 160 2.46 -28.32 -9.87
N GLN B 161 2.36 -27.22 -10.63
CA GLN B 161 3.53 -26.65 -11.36
C GLN B 161 4.49 -25.94 -10.43
N GLY B 162 4.17 -25.74 -9.17
CA GLY B 162 5.15 -25.18 -8.26
C GLY B 162 5.07 -23.69 -8.22
N ASN B 163 3.91 -23.14 -8.62
CA ASN B 163 3.68 -21.70 -8.57
C ASN B 163 2.74 -21.29 -7.46
N LEU B 164 3.00 -20.10 -6.95
CA LEU B 164 2.22 -19.52 -5.88
C LEU B 164 1.19 -18.49 -6.37
N SER B 165 0.19 -18.28 -5.53
CA SER B 165 -0.73 -17.19 -5.64
C SER B 165 -1.47 -17.02 -4.33
N GLY B 166 -2.16 -15.92 -4.21
CA GLY B 166 -2.84 -15.56 -2.99
C GLY B 166 -4.04 -14.62 -3.26
N ALA B 167 -5.01 -14.63 -2.37
CA ALA B 167 -6.17 -13.78 -2.46
C ALA B 167 -6.63 -13.45 -1.06
N CYS B 168 -7.10 -12.25 -0.82
CA CYS B 168 -7.97 -12.02 0.32
C CYS B 168 -9.12 -11.08 0.03
N THR B 169 -10.05 -11.13 0.96
CA THR B 169 -11.33 -10.52 0.80
C THR B 169 -11.84 -10.16 2.19
N THR B 170 -12.50 -9.02 2.31
CA THR B 170 -13.16 -8.61 3.55
C THR B 170 -14.43 -7.85 3.22
N SER B 171 -15.45 -8.08 4.03
CA SER B 171 -16.75 -7.39 3.88
C SER B 171 -17.35 -6.75 5.17
N ASP B 172 -16.71 -6.97 6.31
CA ASP B 172 -17.14 -6.41 7.56
C ASP B 172 -16.47 -5.03 7.77
N MET B 173 -17.24 -3.95 7.62
CA MET B 173 -16.76 -2.60 7.90
C MET B 173 -16.88 -2.21 9.38
N ALA B 174 -17.57 -3.06 10.14
CA ALA B 174 -17.67 -2.91 11.58
C ALA B 174 -18.06 -1.48 12.04
N TYR B 175 -18.96 -0.82 11.31
CA TYR B 175 -19.38 0.54 11.60
C TYR B 175 -18.20 1.52 11.65
N LYS B 176 -17.16 1.27 10.88
CA LYS B 176 -16.06 2.23 10.84
C LYS B 176 -16.45 3.40 9.95
N MET B 177 -15.61 4.43 9.95
CA MET B 177 -15.90 5.61 9.17
C MET B 177 -16.03 5.26 7.69
N HIS B 178 -16.98 5.88 7.02
CA HIS B 178 -17.12 5.63 5.58
C HIS B 178 -15.74 5.83 4.93
N GLY B 179 -15.32 4.93 4.05
CA GLY B 179 -14.04 5.16 3.37
C GLY B 179 -12.80 4.61 4.08
N ARG B 180 -12.95 4.09 5.29
CA ARG B 180 -11.83 3.41 5.93
C ARG B 180 -11.38 2.20 5.12
N VAL B 181 -10.07 2.03 5.03
CA VAL B 181 -9.44 0.93 4.31
C VAL B 181 -8.52 0.15 5.29
N GLY B 182 -8.70 -1.17 5.38
CA GLY B 182 -7.83 -1.97 6.18
C GLY B 182 -6.74 -2.56 5.28
N ASP B 183 -6.25 -3.71 5.70
CA ASP B 183 -5.09 -4.29 5.10
C ASP B 183 -5.43 -5.21 3.93
N SER B 184 -6.68 -5.70 3.86
CA SER B 184 -7.03 -6.73 2.90
C SER B 184 -6.73 -6.32 1.46
N PRO B 185 -6.86 -5.01 1.12
CA PRO B 185 -6.63 -4.65 -0.28
C PRO B 185 -5.26 -4.05 -0.58
N ILE B 186 -4.37 -4.02 0.42
CA ILE B 186 -3.09 -3.39 0.31
C ILE B 186 -2.01 -4.42 0.15
N ILE B 187 -1.30 -4.31 -0.97
CA ILE B 187 -0.29 -5.32 -1.26
C ILE B 187 0.86 -5.11 -0.31
N GLY B 188 1.31 -6.19 0.34
CA GLY B 188 2.43 -6.11 1.29
C GLY B 188 1.97 -6.00 2.69
N ALA B 189 0.67 -5.67 2.85
CA ALA B 189 0.04 -5.62 4.15
C ALA B 189 -0.74 -6.91 4.34
N GLY B 190 -1.92 -7.03 3.73
CA GLY B 190 -2.73 -8.22 3.93
C GLY B 190 -2.30 -9.45 3.14
N LEU B 191 -1.57 -9.22 2.06
CA LEU B 191 -1.18 -10.29 1.14
C LEU B 191 0.09 -9.94 0.44
N PHE B 192 1.08 -10.83 0.44
CA PHE B 192 2.21 -10.71 -0.48
C PHE B 192 2.73 -12.07 -1.04
N VAL B 193 3.01 -12.12 -2.35
CA VAL B 193 3.42 -13.36 -2.99
C VAL B 193 4.64 -13.08 -3.86
N ASP B 194 5.77 -13.69 -3.52
CA ASP B 194 6.91 -13.71 -4.46
C ASP B 194 7.19 -15.14 -4.92
N ASN B 195 6.96 -15.44 -6.20
CA ASN B 195 7.15 -16.80 -6.69
C ASN B 195 8.56 -17.39 -6.55
N GLU B 196 9.57 -16.61 -6.25
CA GLU B 196 10.88 -17.18 -6.04
C GLU B 196 11.13 -17.31 -4.56
N ILE B 197 10.17 -17.00 -3.70
CA ILE B 197 10.43 -17.03 -2.26
C ILE B 197 9.29 -17.73 -1.52
N GLY B 198 8.08 -17.19 -1.65
CA GLY B 198 6.96 -17.64 -0.85
C GLY B 198 5.86 -16.61 -0.84
N ALA B 199 4.84 -16.93 -0.04
CA ALA B 199 3.61 -16.16 0.02
C ALA B 199 3.29 -16.00 1.48
N ALA B 200 2.67 -14.88 1.84
CA ALA B 200 2.08 -14.71 3.15
C ALA B 200 0.76 -14.00 3.07
N THR B 201 -0.16 -14.35 3.97
CA THR B 201 -1.37 -13.61 4.16
C THR B 201 -1.55 -13.35 5.67
N ALA B 202 -2.20 -12.22 5.99
CA ALA B 202 -2.31 -11.74 7.38
C ALA B 202 -3.68 -11.87 7.99
N THR B 203 -3.71 -11.85 9.31
CA THR B 203 -4.96 -11.76 10.06
C THR B 203 -4.82 -10.68 11.14
N GLY B 204 -5.96 -10.13 11.57
CA GLY B 204 -6.03 -9.29 12.75
C GLY B 204 -6.24 -7.84 12.38
N HIS B 205 -5.90 -6.94 13.30
CA HIS B 205 -6.23 -5.53 13.13
C HIS B 205 -5.58 -4.95 11.85
N GLY B 206 -6.42 -4.52 10.90
CA GLY B 206 -5.95 -3.96 9.64
C GLY B 206 -4.92 -2.83 9.77
N GLU B 207 -5.20 -1.91 10.67
CA GLU B 207 -4.36 -0.71 10.83
C GLU B 207 -2.95 -1.13 11.21
N GLU B 208 -2.82 -2.22 11.96
CA GLU B 208 -1.51 -2.66 12.48
C GLU B 208 -0.76 -3.50 11.40
N VAL B 209 -1.51 -4.28 10.63
CA VAL B 209 -0.90 -4.96 9.50
C VAL B 209 -0.37 -3.91 8.57
N ILE B 210 -1.14 -2.84 8.32
CA ILE B 210 -0.73 -1.85 7.34
C ILE B 210 0.52 -1.16 7.80
N ARG B 211 0.53 -0.71 9.05
CA ARG B 211 1.63 0.07 9.58
C ARG B 211 2.97 -0.67 9.59
N THR B 212 2.89 -1.99 9.66
CA THR B 212 4.07 -2.79 9.79
C THR B 212 4.41 -3.45 8.46
N VAL B 213 3.62 -3.19 7.39
CA VAL B 213 3.80 -3.87 6.08
C VAL B 213 4.05 -5.39 6.31
N GLY B 214 3.11 -6.02 7.01
CA GLY B 214 3.34 -7.32 7.63
C GLY B 214 3.71 -8.45 6.69
N THR B 215 2.90 -8.69 5.65
CA THR B 215 3.19 -9.79 4.74
C THR B 215 4.43 -9.53 3.93
N HIS B 216 4.69 -8.33 3.42
CA HIS B 216 6.00 -8.15 2.80
C HIS B 216 7.14 -8.54 3.80
N LEU B 217 7.00 -8.14 5.06
CA LEU B 217 8.03 -8.47 6.06
C LEU B 217 8.27 -9.97 6.18
N VAL B 218 7.17 -10.72 6.22
CA VAL B 218 7.20 -12.19 6.34
C VAL B 218 7.97 -12.82 5.18
N VAL B 219 7.63 -12.39 3.96
CA VAL B 219 8.26 -12.91 2.78
C VAL B 219 9.74 -12.51 2.69
N GLU B 220 10.12 -11.28 3.06
CA GLU B 220 11.53 -10.95 3.00
C GLU B 220 12.31 -11.78 4.00
N LEU B 221 11.73 -12.04 5.18
CA LEU B 221 12.36 -12.97 6.13
C LEU B 221 12.56 -14.38 5.55
N MET B 222 11.60 -14.90 4.78
CA MET B 222 11.83 -16.13 4.03
C MET B 222 12.94 -15.97 3.00
N ASN B 223 13.06 -14.79 2.45
CA ASN B 223 14.15 -14.50 1.53
C ASN B 223 15.47 -14.36 2.29
N GLN B 224 15.43 -14.01 3.54
CA GLN B 224 16.60 -13.99 4.39
C GLN B 224 16.87 -15.39 5.02
N GLY B 225 16.31 -16.45 4.46
CA GLY B 225 16.65 -17.80 4.87
C GLY B 225 15.84 -18.39 6.01
N ARG B 226 14.75 -17.74 6.38
CA ARG B 226 13.92 -18.33 7.40
C ARG B 226 12.96 -19.33 6.75
N THR B 227 12.65 -20.43 7.46
CA THR B 227 11.48 -21.26 7.11
C THR B 227 10.20 -20.40 7.32
N PRO B 228 9.08 -20.83 6.74
CA PRO B 228 7.82 -20.11 6.85
C PRO B 228 7.39 -19.90 8.27
N GLN B 229 7.61 -20.93 9.09
CA GLN B 229 7.38 -20.80 10.50
C GLN B 229 8.22 -19.73 11.16
N GLN B 230 9.53 -19.77 10.93
CA GLN B 230 10.45 -18.84 11.55
C GLN B 230 10.16 -17.42 11.07
N ALA B 231 9.76 -17.23 9.83
CA ALA B 231 9.49 -15.90 9.27
C ALA B 231 8.23 -15.26 9.89
N CYS B 232 7.15 -16.06 10.01
CA CYS B 232 5.95 -15.67 10.73
C CYS B 232 6.25 -15.26 12.15
N LYS B 233 6.99 -16.08 12.90
CA LYS B 233 7.31 -15.79 14.30
C LYS B 233 8.20 -14.54 14.44
N GLU B 234 9.23 -14.41 13.63
CA GLU B 234 10.14 -13.27 13.71
C GLU B 234 9.47 -11.95 13.26
N ALA B 235 8.63 -12.03 12.23
CA ALA B 235 7.71 -10.95 11.87
C ALA B 235 6.89 -10.49 13.07
N VAL B 236 6.20 -11.43 13.69
CA VAL B 236 5.38 -11.13 14.83
C VAL B 236 6.25 -10.57 15.95
N GLU B 237 7.42 -11.15 16.19
CA GLU B 237 8.26 -10.62 17.26
C GLU B 237 8.74 -9.19 16.98
N ARG B 238 9.06 -8.88 15.75
CA ARG B 238 9.42 -7.47 15.42
C ARG B 238 8.21 -6.57 15.69
N ILE B 239 7.01 -7.08 15.40
CA ILE B 239 5.83 -6.27 15.55
C ILE B 239 5.47 -6.10 17.04
N VAL B 240 5.75 -7.08 17.86
CA VAL B 240 5.59 -6.91 19.28
C VAL B 240 6.47 -5.76 19.77
N LYS B 241 7.71 -5.71 19.28
CA LYS B 241 8.64 -4.63 19.66
C LYS B 241 8.14 -3.26 19.25
N ILE B 242 7.56 -3.19 18.07
CA ILE B 242 6.95 -1.94 17.58
C ILE B 242 5.81 -1.52 18.49
N VAL B 243 4.93 -2.45 18.83
CA VAL B 243 3.75 -2.15 19.65
C VAL B 243 4.25 -1.60 21.01
N ASN B 244 5.23 -2.29 21.59
CA ASN B 244 5.93 -1.81 22.80
C ASN B 244 6.41 -0.36 22.61
N ARG B 245 7.14 -0.07 21.54
CA ARG B 245 7.69 1.30 21.38
C ARG B 245 6.56 2.29 21.21
N ARG B 246 5.41 1.85 20.72
CA ARG B 246 4.25 2.73 20.63
C ARG B 246 3.47 2.85 21.95
N GLY B 247 3.90 2.25 23.06
CA GLY B 247 3.17 2.44 24.33
C GLY B 247 1.79 1.79 24.34
N LYS B 248 1.54 0.84 23.45
CA LYS B 248 0.28 0.15 23.49
C LYS B 248 0.45 -1.19 24.20
N ASN B 249 -0.65 -1.72 24.69
CA ASN B 249 -0.68 -3.00 25.41
C ASN B 249 -1.00 -4.05 24.38
N LEU B 250 -0.16 -5.07 24.33
CA LEU B 250 -0.23 -6.16 23.37
C LEU B 250 -1.63 -6.83 23.33
N LYS B 251 -2.27 -6.88 24.49
CA LYS B 251 -3.58 -7.45 24.55
C LYS B 251 -4.57 -6.78 23.61
N ASP B 252 -4.34 -5.49 23.29
CA ASP B 252 -5.21 -4.74 22.38
C ASP B 252 -4.87 -4.87 20.90
N ILE B 253 -3.82 -5.62 20.59
CA ILE B 253 -3.30 -5.69 19.23
C ILE B 253 -3.29 -7.14 18.81
N GLN B 254 -4.04 -7.50 17.78
CA GLN B 254 -3.91 -8.84 17.21
C GLN B 254 -3.35 -8.77 15.78
N VAL B 255 -2.25 -9.49 15.55
CA VAL B 255 -1.66 -9.62 14.24
C VAL B 255 -1.16 -11.02 14.15
N GLY B 256 -1.26 -11.59 12.96
CA GLY B 256 -0.82 -12.96 12.71
C GLY B 256 -0.68 -13.16 11.21
N PHE B 257 0.02 -14.22 10.86
CA PHE B 257 0.40 -14.51 9.46
C PHE B 257 0.37 -15.98 9.25
N ILE B 258 0.07 -16.37 8.02
CA ILE B 258 0.32 -17.70 7.56
C ILE B 258 1.21 -17.52 6.35
N ALA B 259 2.08 -18.47 6.14
CA ALA B 259 3.07 -18.31 5.09
C ALA B 259 3.37 -19.67 4.51
N LEU B 260 3.81 -19.65 3.27
CA LEU B 260 4.03 -20.80 2.41
C LEU B 260 5.31 -20.48 1.64
N ASN B 261 6.26 -21.42 1.51
CA ASN B 261 7.43 -21.24 0.61
C ASN B 261 7.34 -22.14 -0.58
N LYS B 262 8.37 -22.06 -1.43
CA LYS B 262 8.35 -22.70 -2.77
C LYS B 262 8.44 -24.24 -2.66
N LYS B 263 8.87 -24.76 -1.51
CA LYS B 263 8.90 -26.20 -1.26
C LYS B 263 7.61 -26.78 -0.61
N GLY B 264 6.63 -25.92 -0.35
CA GLY B 264 5.40 -26.34 0.30
C GLY B 264 5.54 -26.45 1.81
N GLU B 265 6.64 -25.95 2.35
CA GLU B 265 6.71 -25.80 3.78
C GLU B 265 5.81 -24.63 4.14
N TYR B 266 5.14 -24.74 5.28
CA TYR B 266 4.27 -23.66 5.72
C TYR B 266 4.41 -23.35 7.20
N GLY B 267 3.89 -22.22 7.62
CA GLY B 267 3.75 -21.92 9.01
C GLY B 267 2.84 -20.73 9.25
N ALA B 268 2.79 -20.33 10.52
CA ALA B 268 1.74 -19.49 11.03
C ALA B 268 2.22 -19.01 12.39
N TYR B 269 1.95 -17.77 12.69
CA TYR B 269 2.28 -17.24 14.02
C TYR B 269 1.47 -15.99 14.25
N CYS B 270 1.22 -15.69 15.51
CA CYS B 270 0.39 -14.56 15.94
C CYS B 270 0.88 -13.98 17.25
N ILE B 271 0.33 -12.82 17.55
CA ILE B 271 0.64 -12.11 18.76
C ILE B 271 -0.08 -12.85 19.87
N GLN B 272 -1.37 -13.11 19.70
CA GLN B 272 -2.23 -13.77 20.70
C GLN B 272 -2.84 -15.03 20.17
N ASP B 273 -3.34 -15.81 21.12
CA ASP B 273 -3.96 -17.11 20.90
C ASP B 273 -5.33 -16.98 20.27
N GLY B 274 -5.87 -18.12 19.86
CA GLY B 274 -7.24 -18.20 19.41
C GLY B 274 -7.48 -18.06 17.93
N PHE B 275 -6.42 -17.87 17.15
CA PHE B 275 -6.60 -17.81 15.70
C PHE B 275 -6.27 -19.22 15.26
N ASN B 276 -7.02 -19.83 14.34
CA ASN B 276 -6.55 -21.04 13.69
C ASN B 276 -6.43 -20.81 12.20
N PHE B 277 -5.79 -21.75 11.50
CA PHE B 277 -5.78 -21.75 10.07
C PHE B 277 -6.02 -23.16 9.52
N ALA B 278 -6.45 -23.22 8.27
CA ALA B 278 -6.77 -24.45 7.58
C ALA B 278 -5.72 -24.68 6.50
N VAL B 279 -5.25 -25.89 6.41
CA VAL B 279 -4.25 -26.31 5.45
C VAL B 279 -4.67 -27.61 4.78
N HIS B 280 -4.58 -27.64 3.46
CA HIS B 280 -4.98 -28.80 2.67
C HIS B 280 -3.79 -29.08 1.76
N ASP B 281 -3.22 -30.27 1.92
CA ASP B 281 -2.31 -30.89 0.93
C ASP B 281 -2.79 -32.33 0.68
N GLN B 282 -1.89 -33.20 0.25
CA GLN B 282 -2.25 -34.58 -0.07
C GLN B 282 -2.52 -35.41 1.17
N LYS B 283 -2.14 -34.91 2.34
CA LYS B 283 -2.56 -35.45 3.63
C LYS B 283 -3.97 -35.00 4.06
N GLY B 284 -4.59 -34.10 3.29
CA GLY B 284 -5.97 -33.75 3.54
C GLY B 284 -6.08 -32.34 4.04
N ASN B 285 -7.30 -31.96 4.29
CA ASN B 285 -7.64 -30.63 4.75
C ASN B 285 -7.58 -30.77 6.23
N ARG B 286 -7.16 -29.76 6.95
CA ARG B 286 -7.15 -29.81 8.38
C ARG B 286 -6.91 -28.46 8.99
N LEU B 287 -7.36 -28.35 10.23
CA LEU B 287 -7.17 -27.19 11.03
C LEU B 287 -5.96 -27.31 11.93
N GLU B 288 -5.17 -26.26 11.98
CA GLU B 288 -4.00 -26.18 12.82
C GLU B 288 -4.00 -24.88 13.60
N THR B 289 -3.35 -24.93 14.76
CA THR B 289 -3.23 -23.81 15.69
C THR B 289 -1.76 -23.39 15.75
N PRO B 290 -1.44 -22.17 15.30
CA PRO B 290 -0.07 -21.81 15.38
C PRO B 290 0.35 -21.31 16.78
N GLY B 291 1.65 -21.11 16.94
CA GLY B 291 2.19 -20.43 18.12
C GLY B 291 1.82 -18.95 18.19
N PHE B 292 1.96 -18.41 19.39
CA PHE B 292 1.63 -17.03 19.64
C PHE B 292 2.61 -16.43 20.65
N ALA B 293 2.85 -15.13 20.61
CA ALA B 293 3.86 -14.49 21.43
C ALA B 293 3.35 -14.10 22.82
N LEU B 294 2.10 -13.68 22.91
CA LEU B 294 1.55 -13.23 24.18
C LEU B 294 1.26 -14.44 25.09
N LYS B 295 2.17 -14.67 26.05
CA LYS B 295 2.05 -15.77 27.00
C LYS B 295 1.33 -15.38 28.29
#